data_1AMR
#
_entry.id   1AMR
#
_cell.length_a   157.600
_cell.length_b   85.700
_cell.length_c   78.900
_cell.angle_alpha   90.00
_cell.angle_beta   90.00
_cell.angle_gamma   90.00
#
_symmetry.space_group_name_H-M   'C 2 2 21'
#
loop_
_entity.id
_entity.type
_entity.pdbx_description
1 polymer 'ASPARTATE AMINOTRANSFERASE'
2 non-polymer "4'-DEOXY-4'-AMINOPYRIDOXAL-5'-PHOSPHATE"
3 non-polymer 'MALEIC ACID'
4 water water
#
_entity_poly.entity_id   1
_entity_poly.type   'polypeptide(L)'
_entity_poly.pdbx_seq_one_letter_code
;MFENITAAPADPILGLADLFRADERPGKINLGIGVYKDETGKTPVLTSVKKAEQYLLENETTKNYLGIDGIPEFGRCTQE
LLFGKGSALINDKRARTAQTPGGTGALRVAADFLAKNTSVKRVWVSNPSWPNHKSVFNSAGLEVREYAYYDAENHTLDFD
ALINSLNEAQAGDVVLFHGCCHNPTGIDPTLEQWQTLAQLSVEKGWLPLFDFAYQGFARGLEEDAEGLRAFAAMHKELIV
ASSYSKNFGLYNERVGACTLVAADSETVDRAFSQMKAAIRANYSNPPAHGASVVATILSNDALRAIWEQELTDMRQRIQR
MRQLFVNTLQEKGANRDFSFIIKQNGMFSFSGLTKEQVLRLREEFGVYAVASGRVNVAGMTPDNMAPLCEAIVAVL
;
_entity_poly.pdbx_strand_id   A
#
loop_
_chem_comp.id
_chem_comp.type
_chem_comp.name
_chem_comp.formula
MAE non-polymer 'MALEIC ACID' 'C4 H4 O4'
PMP non-polymer 4'-DEOXY-4'-AMINOPYRIDOXAL-5'-PHOSPHATE 'C8 H13 N2 O5 P'
#
# COMPACT_ATOMS: atom_id res chain seq x y z
N MET A 1 -24.74 27.20 11.27
CA MET A 1 -23.33 26.80 11.20
C MET A 1 -22.96 26.07 9.90
N PHE A 2 -23.86 25.22 9.40
CA PHE A 2 -23.62 24.42 8.20
C PHE A 2 -24.15 24.92 6.84
N GLU A 3 -24.95 25.98 6.86
CA GLU A 3 -25.54 26.60 5.66
C GLU A 3 -24.51 26.88 4.56
N ASN A 4 -23.29 27.18 4.97
CA ASN A 4 -22.22 27.53 4.03
C ASN A 4 -21.35 26.38 3.60
N ILE A 5 -21.55 25.18 4.14
CA ILE A 5 -20.65 24.11 3.77
C ILE A 5 -20.81 23.63 2.34
N THR A 6 -19.70 23.68 1.61
CA THR A 6 -19.67 23.23 0.22
C THR A 6 -19.45 21.71 0.22
N ALA A 7 -20.04 21.02 -0.74
CA ALA A 7 -19.88 19.58 -0.83
C ALA A 7 -18.46 19.27 -1.34
N ALA A 8 -17.85 18.25 -0.74
CA ALA A 8 -16.52 17.84 -1.13
C ALA A 8 -16.69 16.99 -2.39
N PRO A 9 -15.71 17.03 -3.29
CA PRO A 9 -15.84 16.22 -4.51
C PRO A 9 -15.68 14.75 -4.12
N ALA A 10 -16.27 13.85 -4.89
CA ALA A 10 -16.17 12.43 -4.59
C ALA A 10 -14.72 11.96 -4.63
N ASP A 11 -14.41 11.00 -3.75
CA ASP A 11 -13.07 10.44 -3.68
C ASP A 11 -12.79 9.80 -5.03
N PRO A 12 -11.65 10.12 -5.65
CA PRO A 12 -11.31 9.55 -6.95
C PRO A 12 -11.27 8.02 -6.99
N ILE A 13 -10.98 7.39 -5.85
CA ILE A 13 -10.94 5.92 -5.78
C ILE A 13 -12.19 5.32 -5.16
N LEU A 14 -12.46 5.65 -3.90
CA LEU A 14 -13.64 5.14 -3.21
C LEU A 14 -14.96 5.60 -3.81
N GLY A 15 -14.91 6.67 -4.61
CA GLY A 15 -16.13 7.18 -5.23
C GLY A 15 -16.67 6.30 -6.34
N LEU A 16 -15.78 5.54 -6.97
CA LEU A 16 -16.14 4.62 -8.03
C LEU A 16 -17.09 3.57 -7.50
N ALA A 17 -16.93 3.24 -6.23
CA ALA A 17 -17.78 2.24 -5.58
C ALA A 17 -19.25 2.62 -5.67
N ASP A 18 -19.54 3.91 -5.51
CA ASP A 18 -20.91 4.40 -5.57
C ASP A 18 -21.50 4.30 -6.97
N LEU A 19 -20.76 4.85 -7.93
CA LEU A 19 -21.16 4.85 -9.32
C LEU A 19 -21.41 3.42 -9.81
N PHE A 20 -20.51 2.52 -9.43
CA PHE A 20 -20.62 1.14 -9.86
C PHE A 20 -21.92 0.47 -9.47
N ARG A 21 -22.37 0.67 -8.25
CA ARG A 21 -23.63 0.05 -7.89
C ARG A 21 -24.80 1.01 -8.01
N ALA A 22 -24.62 2.00 -8.86
CA ALA A 22 -25.66 2.98 -9.13
C ALA A 22 -26.24 2.68 -10.49
N ASP A 23 -25.44 2.07 -11.37
CA ASP A 23 -25.94 1.75 -12.70
C ASP A 23 -26.28 0.28 -12.89
N GLU A 24 -27.59 -0.01 -12.92
CA GLU A 24 -28.02 -1.39 -13.13
C GLU A 24 -27.97 -1.58 -14.62
N ARG A 25 -26.89 -2.19 -15.07
CA ARG A 25 -26.70 -2.47 -16.46
C ARG A 25 -25.92 -3.77 -16.36
N PRO A 26 -26.56 -4.88 -16.69
CA PRO A 26 -26.09 -6.27 -16.67
C PRO A 26 -24.59 -6.57 -16.57
N GLY A 27 -23.85 -6.36 -17.66
CA GLY A 27 -22.44 -6.70 -17.66
C GLY A 27 -21.38 -5.68 -17.26
N LYS A 28 -21.57 -5.02 -16.13
CA LYS A 28 -20.60 -4.04 -15.65
C LYS A 28 -19.33 -4.77 -15.21
N ILE A 29 -18.18 -4.12 -15.35
CA ILE A 29 -16.91 -4.69 -14.95
C ILE A 29 -16.20 -3.64 -14.08
N ASN A 30 -15.82 -4.03 -12.85
CA ASN A 30 -15.16 -3.14 -11.89
C ASN A 30 -13.66 -3.35 -11.81
N LEU A 31 -12.91 -2.44 -12.41
CA LEU A 31 -11.44 -2.50 -12.41
C LEU A 31 -10.84 -1.31 -11.66
N GLY A 32 -11.63 -0.70 -10.79
CA GLY A 32 -11.19 0.46 -10.03
C GLY A 32 -10.44 0.22 -8.74
N ILE A 33 -11.20 0.11 -7.64
CA ILE A 33 -10.63 -0.09 -6.30
C ILE A 33 -9.72 -1.32 -6.18
N GLY A 34 -8.61 -1.17 -5.47
CA GLY A 34 -7.66 -2.25 -5.30
C GLY A 34 -8.02 -3.33 -4.31
N VAL A 35 -8.81 -4.30 -4.78
CA VAL A 35 -9.23 -5.42 -3.97
C VAL A 35 -8.96 -6.67 -4.80
N TYR A 36 -8.52 -7.75 -4.16
CA TYR A 36 -8.24 -9.00 -4.87
C TYR A 36 -9.54 -9.72 -5.17
N LYS A 37 -9.59 -10.40 -6.32
CA LYS A 37 -10.73 -11.21 -6.72
C LYS A 37 -10.20 -12.54 -7.23
N ASP A 38 -10.91 -13.62 -6.96
CA ASP A 38 -10.49 -14.94 -7.43
C ASP A 38 -11.14 -15.20 -8.77
N GLU A 39 -10.81 -16.34 -9.40
CA GLU A 39 -11.34 -16.73 -10.72
C GLU A 39 -12.83 -16.56 -10.95
N THR A 40 -13.59 -16.49 -9.87
CA THR A 40 -15.03 -16.34 -9.98
C THR A 40 -15.49 -14.91 -9.66
N GLY A 41 -14.55 -13.98 -9.58
CA GLY A 41 -14.89 -12.60 -9.29
C GLY A 41 -15.42 -12.36 -7.89
N LYS A 42 -14.89 -13.10 -6.92
CA LYS A 42 -15.30 -12.97 -5.52
C LYS A 42 -14.10 -12.52 -4.73
N THR A 43 -14.36 -11.88 -3.59
CA THR A 43 -13.31 -11.43 -2.67
C THR A 43 -13.56 -12.24 -1.41
N PRO A 44 -13.07 -13.47 -1.39
CA PRO A 44 -13.28 -14.33 -0.22
C PRO A 44 -12.42 -14.02 0.99
N VAL A 45 -12.91 -14.42 2.15
CA VAL A 45 -12.13 -14.26 3.35
C VAL A 45 -11.23 -15.50 3.35
N LEU A 46 -9.93 -15.29 3.54
CA LEU A 46 -8.95 -16.38 3.54
C LEU A 46 -9.31 -17.51 4.51
N THR A 47 -8.90 -18.73 4.14
CA THR A 47 -9.15 -19.90 4.98
C THR A 47 -8.44 -19.80 6.33
N SER A 48 -7.17 -19.38 6.32
CA SER A 48 -6.44 -19.23 7.57
C SER A 48 -7.13 -18.23 8.49
N VAL A 49 -7.76 -17.22 7.89
CA VAL A 49 -8.45 -16.18 8.64
C VAL A 49 -9.69 -16.78 9.28
N LYS A 50 -10.38 -17.63 8.53
CA LYS A 50 -11.57 -18.31 9.06
C LYS A 50 -11.17 -19.21 10.21
N LYS A 51 -10.04 -19.89 10.06
CA LYS A 51 -9.54 -20.77 11.11
C LYS A 51 -9.15 -19.99 12.35
N ALA A 52 -8.39 -18.91 12.16
CA ALA A 52 -7.95 -18.05 13.26
C ALA A 52 -9.14 -17.44 13.98
N GLU A 53 -10.15 -17.03 13.21
CA GLU A 53 -11.34 -16.42 13.80
C GLU A 53 -12.11 -17.40 14.67
N GLN A 54 -12.14 -18.67 14.25
CA GLN A 54 -12.84 -19.69 15.02
C GLN A 54 -12.10 -19.83 16.34
N TYR A 55 -10.79 -19.99 16.25
CA TYR A 55 -9.97 -20.11 17.43
C TYR A 55 -10.24 -18.94 18.40
N LEU A 56 -10.29 -17.72 17.88
CA LEU A 56 -10.53 -16.55 18.72
C LEU A 56 -11.87 -16.65 19.42
N LEU A 57 -12.89 -17.06 18.68
CA LEU A 57 -14.23 -17.20 19.23
C LEU A 57 -14.23 -18.22 20.39
N GLU A 58 -13.36 -19.21 20.29
CA GLU A 58 -13.28 -20.25 21.31
C GLU A 58 -12.56 -19.75 22.54
N ASN A 59 -11.46 -19.06 22.31
CA ASN A 59 -10.60 -18.63 23.38
C ASN A 59 -10.67 -17.24 24.01
N GLU A 60 -11.28 -16.26 23.35
CA GLU A 60 -11.36 -14.92 23.93
C GLU A 60 -12.26 -14.90 25.15
N THR A 61 -11.80 -14.29 26.22
CA THR A 61 -12.60 -14.20 27.43
C THR A 61 -12.94 -12.77 27.83
N THR A 62 -12.48 -11.80 27.03
CA THR A 62 -12.72 -10.41 27.32
C THR A 62 -12.47 -9.50 26.11
N LYS A 63 -13.14 -8.35 26.11
CA LYS A 63 -12.98 -7.36 25.06
C LYS A 63 -12.42 -6.09 25.73
N ASN A 64 -11.70 -6.28 26.84
CA ASN A 64 -11.10 -5.17 27.59
C ASN A 64 -10.07 -4.45 26.73
N TYR A 65 -9.95 -3.12 26.93
CA TYR A 65 -9.02 -2.25 26.18
C TYR A 65 -7.64 -2.82 25.94
N LEU A 66 -7.16 -2.58 24.74
CA LEU A 66 -5.89 -3.09 24.28
C LEU A 66 -4.61 -2.34 24.66
N GLY A 67 -4.68 -1.11 25.14
CA GLY A 67 -3.40 -0.46 25.41
C GLY A 67 -3.10 0.27 24.11
N ILE A 68 -2.68 1.52 24.25
CA ILE A 68 -2.43 2.42 23.12
C ILE A 68 -1.71 1.86 21.90
N ASP A 69 -0.64 1.12 22.10
CA ASP A 69 0.07 0.54 20.96
C ASP A 69 -0.43 -0.84 20.48
N GLY A 70 -1.55 -1.31 21.03
CA GLY A 70 -2.11 -2.60 20.62
C GLY A 70 -1.53 -3.87 21.22
N ILE A 71 -1.63 -4.98 20.48
CA ILE A 71 -1.15 -6.30 20.91
C ILE A 71 0.37 -6.44 20.66
N PRO A 72 1.13 -6.72 21.72
CA PRO A 72 2.59 -6.88 21.67
C PRO A 72 3.10 -7.85 20.65
N GLU A 73 2.56 -9.07 20.65
CA GLU A 73 2.98 -10.10 19.70
C GLU A 73 2.79 -9.61 18.27
N PHE A 74 1.72 -8.86 18.03
CA PHE A 74 1.44 -8.30 16.72
C PHE A 74 2.61 -7.42 16.36
N GLY A 75 2.91 -6.45 17.24
CA GLY A 75 4.01 -5.53 17.01
C GLY A 75 5.33 -6.23 16.78
N ARG A 76 5.55 -7.31 17.51
CA ARG A 76 6.78 -8.06 17.40
C ARG A 76 6.86 -8.85 16.10
N CYS A 77 5.75 -9.46 15.70
CA CYS A 77 5.72 -10.25 14.47
C CYS A 77 5.89 -9.38 13.24
N THR A 78 5.34 -8.17 13.27
CA THR A 78 5.45 -7.26 12.12
C THR A 78 6.91 -6.81 11.89
N GLN A 79 7.64 -6.49 12.96
CA GLN A 79 9.05 -6.08 12.87
C GLN A 79 9.91 -7.18 12.25
N GLU A 80 9.62 -8.43 12.59
CA GLU A 80 10.37 -9.54 12.02
C GLU A 80 10.04 -9.68 10.54
N LEU A 81 8.81 -9.31 10.16
CA LEU A 81 8.41 -9.36 8.76
C LEU A 81 9.19 -8.29 8.00
N LEU A 82 9.13 -7.07 8.53
CA LEU A 82 9.80 -5.92 7.91
C LEU A 82 11.31 -5.99 7.87
N PHE A 83 11.93 -6.22 9.04
CA PHE A 83 13.38 -6.23 9.16
C PHE A 83 14.11 -7.57 9.07
N GLY A 84 13.41 -8.67 9.33
CA GLY A 84 14.06 -9.97 9.27
C GLY A 84 14.31 -10.48 10.67
N LYS A 85 14.21 -11.80 10.86
CA LYS A 85 14.40 -12.37 12.18
C LYS A 85 15.78 -12.11 12.79
N GLY A 86 16.82 -12.08 11.95
CA GLY A 86 18.17 -11.82 12.44
C GLY A 86 18.24 -10.38 12.96
N SER A 87 18.23 -9.45 12.01
CA SER A 87 18.25 -7.99 12.23
C SER A 87 18.74 -7.36 13.55
N ALA A 88 19.72 -6.48 13.41
CA ALA A 88 20.29 -5.75 14.53
C ALA A 88 19.32 -4.72 15.11
N LEU A 89 18.39 -4.22 14.29
CA LEU A 89 17.40 -3.24 14.76
C LEU A 89 16.56 -3.83 15.87
N ILE A 90 16.20 -5.09 15.69
CA ILE A 90 15.39 -5.82 16.64
C ILE A 90 16.19 -6.14 17.89
N ASN A 91 17.41 -6.62 17.69
CA ASN A 91 18.29 -6.97 18.82
C ASN A 91 18.74 -5.76 19.66
N ASP A 92 18.98 -4.61 19.02
CA ASP A 92 19.40 -3.41 19.73
C ASP A 92 18.20 -2.69 20.32
N LYS A 93 17.01 -3.23 20.10
CA LYS A 93 15.77 -2.61 20.60
C LYS A 93 15.62 -1.16 20.11
N ARG A 94 15.94 -0.94 18.84
CA ARG A 94 15.86 0.38 18.22
C ARG A 94 14.50 0.70 17.60
N ALA A 95 13.65 -0.31 17.44
CA ALA A 95 12.34 -0.13 16.81
C ALA A 95 11.17 -0.26 17.78
N ARG A 96 10.12 0.51 17.54
CA ARG A 96 8.91 0.49 18.34
C ARG A 96 7.70 0.49 17.40
N THR A 97 6.78 -0.46 17.61
CA THR A 97 5.60 -0.55 16.75
C THR A 97 4.28 -0.27 17.46
N ALA A 98 3.40 0.44 16.77
CA ALA A 98 2.06 0.73 17.27
C ALA A 98 1.08 0.05 16.30
N GLN A 99 0.04 -0.58 16.84
CA GLN A 99 -0.98 -1.23 16.00
C GLN A 99 -1.94 -0.13 15.61
N THR A 100 -2.24 0.01 14.32
CA THR A 100 -3.13 1.09 13.88
C THR A 100 -4.24 0.63 12.96
N PRO A 101 -5.31 1.44 12.83
CA PRO A 101 -6.43 1.08 11.94
C PRO A 101 -6.03 1.24 10.47
N GLY A 102 -5.40 0.20 9.95
CA GLY A 102 -4.97 0.18 8.57
C GLY A 102 -3.72 0.98 8.29
N GLY A 103 -3.22 0.83 7.06
CA GLY A 103 -2.04 1.54 6.63
C GLY A 103 -2.31 3.04 6.59
N THR A 104 -3.53 3.43 6.24
CA THR A 104 -3.91 4.84 6.16
C THR A 104 -3.77 5.45 7.55
N GLY A 105 -4.25 4.70 8.55
CA GLY A 105 -4.18 5.16 9.93
C GLY A 105 -2.74 5.30 10.39
N ALA A 106 -1.88 4.40 9.92
CA ALA A 106 -0.48 4.45 10.28
C ALA A 106 0.16 5.69 9.65
N LEU A 107 -0.27 6.05 8.45
CA LEU A 107 0.25 7.23 7.77
C LEU A 107 -0.19 8.49 8.53
N ARG A 108 -1.45 8.52 8.96
CA ARG A 108 -1.92 9.67 9.71
C ARG A 108 -1.20 9.81 11.06
N VAL A 109 -1.14 8.76 11.87
CA VAL A 109 -0.46 8.87 13.17
C VAL A 109 0.99 9.30 13.01
N ALA A 110 1.64 8.88 11.93
CA ALA A 110 3.02 9.25 11.68
C ALA A 110 3.06 10.76 11.31
N ALA A 111 2.06 11.21 10.55
CA ALA A 111 1.95 12.60 10.14
C ALA A 111 1.72 13.47 11.37
N ASP A 112 0.77 13.09 12.22
CA ASP A 112 0.47 13.85 13.43
C ASP A 112 1.67 13.89 14.35
N PHE A 113 2.37 12.77 14.41
CA PHE A 113 3.55 12.67 15.25
C PHE A 113 4.62 13.66 14.80
N LEU A 114 5.03 13.54 13.54
CA LEU A 114 6.05 14.40 12.96
C LEU A 114 5.70 15.88 13.03
N ALA A 115 4.42 16.19 12.91
CA ALA A 115 3.95 17.57 12.94
C ALA A 115 4.01 18.24 14.30
N LYS A 116 3.77 17.50 15.37
CA LYS A 116 3.81 18.09 16.69
C LYS A 116 5.15 18.00 17.43
N ASN A 117 5.96 17.00 17.10
CA ASN A 117 7.21 16.77 17.81
C ASN A 117 8.48 16.91 17.01
N THR A 118 8.38 17.42 15.81
CA THR A 118 9.55 17.53 14.96
C THR A 118 9.52 18.87 14.23
N SER A 119 10.57 19.16 13.49
CA SER A 119 10.63 20.40 12.74
C SER A 119 10.36 20.14 11.26
N VAL A 120 9.67 19.04 10.96
CA VAL A 120 9.32 18.71 9.59
C VAL A 120 8.24 19.66 9.12
N LYS A 121 8.37 20.15 7.89
CA LYS A 121 7.39 21.06 7.33
C LYS A 121 6.85 20.52 6.01
N ARG A 122 7.67 19.72 5.35
CA ARG A 122 7.31 19.20 4.05
C ARG A 122 7.66 17.74 3.78
N VAL A 123 6.73 17.05 3.12
CA VAL A 123 6.85 15.64 2.75
C VAL A 123 6.93 15.51 1.23
N TRP A 124 7.90 14.75 0.75
CA TRP A 124 8.08 14.51 -0.68
C TRP A 124 7.40 13.20 -1.12
N VAL A 125 6.48 13.33 -2.08
CA VAL A 125 5.71 12.20 -2.60
C VAL A 125 5.96 12.03 -4.11
N SER A 126 6.05 10.78 -4.57
CA SER A 126 6.31 10.51 -5.99
C SER A 126 5.17 10.98 -6.85
N ASN A 127 5.49 11.21 -8.11
CA ASN A 127 4.52 11.63 -9.09
C ASN A 127 4.56 10.62 -10.23
N PRO A 128 3.48 9.83 -10.40
CA PRO A 128 2.25 9.85 -9.61
C PRO A 128 2.37 9.00 -8.35
N SER A 129 1.33 9.05 -7.53
CA SER A 129 1.26 8.26 -6.30
C SER A 129 -0.20 8.00 -5.94
N TRP A 130 -0.42 7.23 -4.87
CA TRP A 130 -1.75 6.94 -4.39
C TRP A 130 -2.29 8.30 -3.99
N PRO A 131 -3.45 8.69 -4.54
CA PRO A 131 -4.13 9.96 -4.27
C PRO A 131 -4.33 10.38 -2.82
N ASN A 132 -4.54 9.41 -1.93
CA ASN A 132 -4.79 9.76 -0.55
C ASN A 132 -3.56 10.18 0.23
N HIS A 133 -2.39 10.03 -0.36
CA HIS A 133 -1.16 10.44 0.32
C HIS A 133 -1.21 11.96 0.64
N LYS A 134 -1.64 12.76 -0.34
CA LYS A 134 -1.69 14.20 -0.19
C LYS A 134 -2.60 14.59 0.94
N SER A 135 -3.83 14.11 0.86
CA SER A 135 -4.82 14.43 1.87
C SER A 135 -4.42 14.10 3.30
N VAL A 136 -3.77 12.95 3.49
CA VAL A 136 -3.37 12.55 4.83
C VAL A 136 -2.35 13.55 5.39
N PHE A 137 -1.30 13.81 4.62
CA PHE A 137 -0.29 14.72 5.08
C PHE A 137 -0.81 16.16 5.25
N ASN A 138 -1.71 16.58 4.37
CA ASN A 138 -2.28 17.93 4.46
C ASN A 138 -3.21 18.06 5.67
N SER A 139 -3.78 16.93 6.10
CA SER A 139 -4.68 16.91 7.27
C SER A 139 -3.90 17.26 8.52
N ALA A 140 -2.61 16.92 8.51
CA ALA A 140 -1.73 17.15 9.64
C ALA A 140 -0.97 18.47 9.52
N GLY A 141 -1.30 19.26 8.53
CA GLY A 141 -0.63 20.54 8.35
C GLY A 141 0.73 20.46 7.71
N LEU A 142 1.09 19.34 7.10
CA LEU A 142 2.39 19.26 6.44
C LEU A 142 2.20 19.65 4.99
N GLU A 143 3.30 19.95 4.31
CA GLU A 143 3.24 20.37 2.92
C GLU A 143 3.73 19.23 2.04
N VAL A 144 3.11 19.03 0.87
CA VAL A 144 3.52 17.97 -0.04
C VAL A 144 4.12 18.49 -1.34
N ARG A 145 5.29 17.98 -1.68
CA ARG A 145 5.98 18.38 -2.90
C ARG A 145 6.16 17.10 -3.69
N GLU A 146 6.24 17.20 -5.01
CA GLU A 146 6.35 16.00 -5.83
C GLU A 146 7.67 15.76 -6.50
N TYR A 147 8.07 14.50 -6.52
CA TYR A 147 9.31 14.12 -7.18
C TYR A 147 9.05 13.24 -8.38
N ALA A 148 9.76 13.53 -9.48
CA ALA A 148 9.64 12.81 -10.73
C ALA A 148 9.91 11.34 -10.50
N TYR A 149 9.16 10.48 -11.19
CA TYR A 149 9.32 9.05 -11.02
C TYR A 149 9.18 8.23 -12.28
N TYR A 150 8.01 8.32 -12.90
CA TYR A 150 7.70 7.52 -14.07
C TYR A 150 7.88 8.15 -15.43
N ASP A 151 8.53 7.40 -16.32
CA ASP A 151 8.77 7.78 -17.71
C ASP A 151 7.57 7.20 -18.50
N ALA A 152 6.63 8.07 -18.85
CA ALA A 152 5.42 7.67 -19.59
C ALA A 152 5.71 7.02 -20.95
N GLU A 153 6.62 7.61 -21.70
CA GLU A 153 6.97 7.11 -23.02
C GLU A 153 7.49 5.68 -22.95
N ASN A 154 8.54 5.48 -22.15
CA ASN A 154 9.14 4.16 -22.04
C ASN A 154 8.53 3.20 -21.01
N HIS A 155 7.73 3.74 -20.09
CA HIS A 155 7.10 2.93 -19.04
C HIS A 155 8.27 2.37 -18.24
N THR A 156 9.12 3.30 -17.85
CA THR A 156 10.34 3.01 -17.13
C THR A 156 10.40 3.89 -15.89
N LEU A 157 11.30 3.56 -14.97
CA LEU A 157 11.48 4.38 -13.79
C LEU A 157 12.50 5.42 -14.25
N ASP A 158 12.09 6.68 -14.32
CA ASP A 158 13.00 7.76 -14.73
C ASP A 158 13.88 8.06 -13.53
N PHE A 159 14.91 7.23 -13.33
CA PHE A 159 15.81 7.38 -12.20
C PHE A 159 16.56 8.70 -12.16
N ASP A 160 17.08 9.13 -13.30
CA ASP A 160 17.82 10.40 -13.37
C ASP A 160 16.94 11.56 -12.97
N ALA A 161 15.68 11.53 -13.41
CA ALA A 161 14.75 12.58 -13.08
C ALA A 161 14.37 12.48 -11.60
N LEU A 162 14.34 11.25 -11.08
CA LEU A 162 14.00 11.00 -9.68
C LEU A 162 15.10 11.65 -8.83
N ILE A 163 16.33 11.28 -9.11
CA ILE A 163 17.50 11.81 -8.44
C ILE A 163 17.51 13.34 -8.51
N ASN A 164 17.37 13.87 -9.73
CA ASN A 164 17.38 15.30 -9.96
C ASN A 164 16.26 16.10 -9.32
N SER A 165 15.12 15.46 -9.09
CA SER A 165 14.00 16.13 -8.43
C SER A 165 14.26 16.19 -6.94
N LEU A 166 14.75 15.08 -6.39
CA LEU A 166 15.05 14.99 -4.97
C LEU A 166 16.14 15.94 -4.53
N ASN A 167 16.95 16.41 -5.47
CA ASN A 167 18.01 17.34 -5.13
C ASN A 167 17.49 18.66 -4.56
N GLU A 168 16.21 18.93 -4.70
CA GLU A 168 15.64 20.16 -4.16
C GLU A 168 15.09 19.98 -2.73
N ALA A 169 15.26 18.77 -2.20
CA ALA A 169 14.81 18.46 -0.86
C ALA A 169 15.96 18.76 0.09
N GLN A 170 15.65 19.42 1.20
CA GLN A 170 16.70 19.76 2.17
C GLN A 170 16.83 18.76 3.31
N ALA A 171 17.88 18.91 4.10
CA ALA A 171 18.11 18.04 5.24
C ALA A 171 16.94 18.28 6.20
N GLY A 172 16.32 17.20 6.65
CA GLY A 172 15.21 17.34 7.56
C GLY A 172 13.83 17.19 6.93
N ASP A 173 13.79 17.00 5.61
CA ASP A 173 12.52 16.80 4.90
C ASP A 173 12.19 15.32 4.90
N VAL A 174 10.91 14.98 4.83
CA VAL A 174 10.52 13.57 4.79
C VAL A 174 10.36 13.18 3.34
N VAL A 175 10.88 12.02 2.97
CA VAL A 175 10.72 11.55 1.62
C VAL A 175 9.95 10.21 1.71
N LEU A 176 8.83 10.11 1.00
CA LEU A 176 8.02 8.88 1.01
C LEU A 176 8.44 7.95 -0.11
N PHE A 177 8.70 6.68 0.22
CA PHE A 177 9.06 5.67 -0.75
C PHE A 177 8.04 4.55 -0.62
N HIS A 178 7.67 3.92 -1.73
CA HIS A 178 6.76 2.79 -1.69
C HIS A 178 7.70 1.59 -1.61
N GLY A 179 7.49 0.73 -0.63
CA GLY A 179 8.33 -0.46 -0.44
C GLY A 179 8.47 -1.36 -1.66
N CYS A 180 7.34 -1.64 -2.32
CA CYS A 180 7.28 -2.48 -3.53
C CYS A 180 5.86 -2.33 -4.07
N CYS A 181 5.64 -2.67 -5.33
CA CYS A 181 4.34 -2.55 -5.99
C CYS A 181 3.89 -1.10 -5.94
N HIS A 182 4.69 -0.24 -6.55
CA HIS A 182 4.38 1.20 -6.56
C HIS A 182 2.95 1.43 -7.07
N ASN A 183 2.18 2.19 -6.29
CA ASN A 183 0.80 2.53 -6.64
C ASN A 183 0.89 3.95 -7.21
N PRO A 184 0.41 4.15 -8.45
CA PRO A 184 -0.20 3.19 -9.37
C PRO A 184 0.63 2.61 -10.52
N THR A 185 1.91 2.95 -10.63
CA THR A 185 2.71 2.47 -11.77
C THR A 185 3.14 1.02 -11.78
N GLY A 186 3.28 0.40 -10.61
CA GLY A 186 3.73 -0.97 -10.55
C GLY A 186 5.22 -1.11 -10.83
N ILE A 187 5.94 0.01 -10.95
CA ILE A 187 7.40 -0.01 -11.20
C ILE A 187 8.19 0.35 -9.95
N ASP A 188 9.12 -0.51 -9.59
CA ASP A 188 9.93 -0.33 -8.40
C ASP A 188 11.40 -0.25 -8.74
N PRO A 189 12.20 0.32 -7.83
CA PRO A 189 13.63 0.42 -8.07
C PRO A 189 14.26 -0.97 -7.95
N THR A 190 15.39 -1.17 -8.60
CA THR A 190 16.09 -2.44 -8.49
C THR A 190 16.79 -2.36 -7.14
N LEU A 191 17.38 -3.43 -6.65
CA LEU A 191 18.09 -3.36 -5.37
C LEU A 191 19.27 -2.39 -5.48
N GLU A 192 19.97 -2.43 -6.61
CA GLU A 192 21.11 -1.54 -6.84
C GLU A 192 20.65 -0.09 -6.72
N GLN A 193 19.45 0.19 -7.24
CA GLN A 193 18.89 1.54 -7.19
C GLN A 193 18.46 1.86 -5.78
N TRP A 194 17.90 0.88 -5.07
CA TRP A 194 17.46 1.10 -3.70
C TRP A 194 18.70 1.46 -2.88
N GLN A 195 19.82 0.82 -3.21
CA GLN A 195 21.08 1.05 -2.52
C GLN A 195 21.60 2.48 -2.74
N THR A 196 21.61 2.93 -4.00
CA THR A 196 22.06 4.27 -4.35
C THR A 196 21.25 5.34 -3.58
N LEU A 197 19.94 5.14 -3.49
CA LEU A 197 19.04 6.07 -2.79
C LEU A 197 19.24 5.96 -1.28
N ALA A 198 19.65 4.79 -0.80
CA ALA A 198 19.88 4.59 0.62
C ALA A 198 21.02 5.50 1.03
N GLN A 199 22.06 5.53 0.19
CA GLN A 199 23.25 6.34 0.42
C GLN A 199 23.01 7.81 0.17
N LEU A 200 22.38 8.15 -0.95
CA LEU A 200 22.09 9.54 -1.27
C LEU A 200 21.28 10.15 -0.12
N SER A 201 20.37 9.34 0.43
CA SER A 201 19.51 9.75 1.53
C SER A 201 20.27 10.13 2.80
N VAL A 202 21.35 9.40 3.11
CA VAL A 202 22.13 9.70 4.31
C VAL A 202 22.98 10.96 4.18
N GLU A 203 23.46 11.23 2.98
CA GLU A 203 24.28 12.40 2.74
C GLU A 203 23.44 13.67 2.73
N LYS A 204 22.25 13.59 2.14
CA LYS A 204 21.37 14.76 2.05
C LYS A 204 20.52 14.99 3.30
N GLY A 205 20.57 14.05 4.22
CA GLY A 205 19.84 14.17 5.47
C GLY A 205 18.33 14.11 5.44
N TRP A 206 17.76 13.23 4.63
CA TRP A 206 16.31 13.11 4.62
C TRP A 206 15.88 12.04 5.60
N LEU A 207 14.66 12.15 6.10
CA LEU A 207 14.09 11.17 7.02
C LEU A 207 13.23 10.28 6.09
N PRO A 208 13.56 8.98 5.96
CA PRO A 208 12.77 8.10 5.10
C PRO A 208 11.47 7.67 5.75
N LEU A 209 10.42 7.59 4.95
CA LEU A 209 9.11 7.16 5.40
C LEU A 209 8.60 6.16 4.35
N PHE A 210 8.65 4.88 4.67
CA PHE A 210 8.20 3.85 3.74
C PHE A 210 6.73 3.52 3.85
N ASP A 211 6.05 3.42 2.71
CA ASP A 211 4.64 3.01 2.70
C ASP A 211 4.72 1.59 2.18
N PHE A 212 4.38 0.62 3.03
CA PHE A 212 4.45 -0.80 2.72
C PHE A 212 3.05 -1.38 2.84
N ALA A 213 2.34 -1.47 1.73
CA ALA A 213 0.96 -1.97 1.74
C ALA A 213 0.77 -3.26 0.96
N TYR A 214 1.78 -3.64 0.20
CA TYR A 214 1.68 -4.84 -0.62
C TYR A 214 2.83 -5.79 -0.37
N GLN A 215 3.28 -5.94 0.87
CA GLN A 215 4.39 -6.87 1.10
C GLN A 215 3.96 -8.28 0.72
N GLY A 216 4.68 -8.88 -0.22
CA GLY A 216 4.35 -10.22 -0.68
C GLY A 216 3.76 -10.28 -2.07
N PHE A 217 3.34 -9.14 -2.63
CA PHE A 217 2.74 -9.11 -3.96
C PHE A 217 3.65 -8.94 -5.17
N ALA A 218 4.93 -8.71 -4.95
CA ALA A 218 5.85 -8.56 -6.08
C ALA A 218 6.55 -9.89 -6.38
N ARG A 219 7.45 -10.32 -5.50
CA ARG A 219 8.16 -11.59 -5.65
C ARG A 219 8.02 -12.50 -4.43
N GLY A 220 7.90 -11.88 -3.25
CA GLY A 220 7.77 -12.63 -2.01
C GLY A 220 7.98 -11.76 -0.77
N LEU A 221 7.61 -12.30 0.39
CA LEU A 221 7.73 -11.59 1.66
C LEU A 221 9.09 -10.94 1.93
N GLU A 222 10.13 -11.76 1.95
CA GLU A 222 11.47 -11.28 2.22
C GLU A 222 12.10 -10.45 1.09
N GLU A 223 11.73 -10.75 -0.14
CA GLU A 223 12.28 -10.04 -1.30
C GLU A 223 11.71 -8.64 -1.45
N ASP A 224 10.42 -8.49 -1.13
CA ASP A 224 9.75 -7.23 -1.24
C ASP A 224 10.22 -6.25 -0.17
N ALA A 225 10.91 -6.77 0.84
CA ALA A 225 11.40 -5.94 1.92
C ALA A 225 12.84 -5.50 1.71
N GLU A 226 13.49 -6.05 0.70
CA GLU A 226 14.88 -5.74 0.41
C GLU A 226 15.25 -4.26 0.39
N GLY A 227 14.46 -3.45 -0.31
CA GLY A 227 14.73 -2.03 -0.37
C GLY A 227 14.74 -1.39 1.00
N LEU A 228 13.70 -1.69 1.77
CA LEU A 228 13.58 -1.17 3.12
C LEU A 228 14.76 -1.64 3.96
N ARG A 229 15.09 -2.92 3.84
CA ARG A 229 16.20 -3.46 4.64
C ARG A 229 17.55 -2.84 4.24
N ALA A 230 17.65 -2.39 2.99
CA ALA A 230 18.88 -1.76 2.53
C ALA A 230 19.00 -0.41 3.22
N PHE A 231 17.86 0.24 3.41
CA PHE A 231 17.79 1.56 4.05
C PHE A 231 18.02 1.49 5.57
N ALA A 232 17.42 0.49 6.22
CA ALA A 232 17.54 0.33 7.67
C ALA A 232 18.95 0.00 8.15
N ALA A 233 19.74 -0.63 7.30
CA ALA A 233 21.13 -0.98 7.64
C ALA A 233 22.03 0.27 7.57
N MET A 234 21.57 1.24 6.81
CA MET A 234 22.29 2.47 6.57
C MET A 234 21.75 3.67 7.32
N HIS A 235 20.50 3.61 7.75
CA HIS A 235 19.91 4.75 8.44
C HIS A 235 19.82 4.62 9.95
N LYS A 236 19.88 5.77 10.61
CA LYS A 236 19.82 5.88 12.06
C LYS A 236 18.36 6.02 12.53
N GLU A 237 17.54 6.69 11.73
CA GLU A 237 16.13 6.86 12.06
C GLU A 237 15.30 6.67 10.79
N LEU A 238 14.07 6.21 10.95
CA LEU A 238 13.14 6.01 9.84
C LEU A 238 11.79 5.57 10.36
N ILE A 239 10.76 5.79 9.56
CA ILE A 239 9.40 5.43 9.92
C ILE A 239 8.86 4.53 8.83
N VAL A 240 8.06 3.54 9.22
CA VAL A 240 7.46 2.64 8.25
C VAL A 240 6.01 2.38 8.59
N ALA A 241 5.15 2.64 7.61
CA ALA A 241 3.72 2.43 7.75
C ALA A 241 3.37 1.20 6.90
N SER A 242 3.00 0.11 7.54
CA SER A 242 2.65 -1.08 6.78
C SER A 242 1.17 -1.44 6.92
N SER A 243 0.66 -2.18 5.94
CA SER A 243 -0.74 -2.58 5.93
C SER A 243 -0.90 -4.09 5.77
N TYR A 244 -1.98 -4.63 6.34
CA TYR A 244 -2.30 -6.05 6.25
C TYR A 244 -3.60 -6.28 5.50
N SER A 245 -4.15 -5.21 4.94
CA SER A 245 -5.40 -5.29 4.21
C SER A 245 -5.39 -6.15 2.95
N LYS A 246 -4.30 -6.15 2.20
CA LYS A 246 -4.21 -6.91 0.97
C LYS A 246 -3.64 -8.32 1.09
N ASN A 247 -2.50 -8.44 1.78
CA ASN A 247 -1.82 -9.73 1.95
C ASN A 247 -2.50 -10.71 2.91
N PHE A 248 -3.49 -10.23 3.66
CA PHE A 248 -4.25 -11.06 4.59
C PHE A 248 -5.74 -11.00 4.26
N GLY A 249 -6.09 -10.27 3.21
CA GLY A 249 -7.47 -10.11 2.81
C GLY A 249 -8.33 -9.54 3.93
N LEU A 250 -7.74 -8.71 4.76
CA LEU A 250 -8.44 -8.12 5.91
C LEU A 250 -8.88 -6.66 5.74
N TYR A 251 -9.09 -6.26 4.49
CA TYR A 251 -9.51 -4.92 4.14
C TYR A 251 -10.30 -4.14 5.20
N ASN A 252 -11.54 -4.57 5.45
CA ASN A 252 -12.43 -3.89 6.40
C ASN A 252 -12.20 -4.05 7.88
N GLU A 253 -11.18 -4.81 8.26
CA GLU A 253 -10.90 -4.98 9.67
C GLU A 253 -9.90 -3.93 10.16
N ARG A 254 -9.29 -3.22 9.20
CA ARG A 254 -8.34 -2.15 9.49
C ARG A 254 -7.17 -2.62 10.36
N VAL A 255 -6.19 -3.22 9.72
CA VAL A 255 -5.03 -3.78 10.40
C VAL A 255 -3.77 -3.28 9.74
N GLY A 256 -2.96 -2.55 10.50
CA GLY A 256 -1.72 -2.03 9.95
C GLY A 256 -0.88 -1.63 11.12
N ALA A 257 0.28 -1.06 10.84
CA ALA A 257 1.16 -0.65 11.92
C ALA A 257 2.11 0.45 11.54
N CYS A 258 2.47 1.27 12.52
CA CYS A 258 3.43 2.35 12.31
C CYS A 258 4.68 2.03 13.12
N THR A 259 5.75 1.69 12.42
CA THR A 259 7.02 1.35 13.04
C THR A 259 8.00 2.54 13.02
N LEU A 260 8.45 2.89 14.22
CA LEU A 260 9.37 3.99 14.48
C LEU A 260 10.76 3.43 14.78
N VAL A 261 11.79 3.92 14.10
CA VAL A 261 13.17 3.44 14.33
C VAL A 261 14.06 4.64 14.68
N ALA A 262 14.88 4.50 15.73
CA ALA A 262 15.79 5.57 16.15
C ALA A 262 17.16 4.99 16.45
N ALA A 263 18.12 5.87 16.74
CA ALA A 263 19.50 5.46 17.03
C ALA A 263 19.70 4.41 18.13
N ASP A 264 18.96 4.53 19.22
CA ASP A 264 19.10 3.60 20.33
C ASP A 264 17.80 3.44 21.10
N SER A 265 17.79 2.44 21.98
CA SER A 265 16.61 2.14 22.77
C SER A 265 16.04 3.31 23.53
N GLU A 266 16.91 4.06 24.20
CA GLU A 266 16.49 5.19 25.00
C GLU A 266 15.81 6.27 24.18
N THR A 267 16.31 6.53 22.98
CA THR A 267 15.75 7.56 22.09
C THR A 267 14.42 7.17 21.46
N VAL A 268 14.34 5.95 20.90
CA VAL A 268 13.11 5.51 20.28
C VAL A 268 11.98 5.49 21.30
N ASP A 269 12.34 5.16 22.53
CA ASP A 269 11.38 5.09 23.62
C ASP A 269 10.78 6.46 23.99
N ARG A 270 11.61 7.51 23.96
CA ARG A 270 11.13 8.87 24.27
C ARG A 270 10.25 9.37 23.14
N ALA A 271 10.73 9.17 21.93
CA ALA A 271 10.01 9.58 20.73
C ALA A 271 8.66 8.90 20.65
N PHE A 272 8.65 7.59 20.92
CA PHE A 272 7.46 6.76 20.88
C PHE A 272 6.37 7.20 21.87
N SER A 273 6.75 7.63 23.07
CA SER A 273 5.71 8.06 24.02
C SER A 273 4.88 9.20 23.45
N GLN A 274 5.47 10.00 22.55
CA GLN A 274 4.75 11.10 21.89
C GLN A 274 3.85 10.52 20.81
N MET A 275 4.31 9.47 20.14
CA MET A 275 3.49 8.85 19.11
C MET A 275 2.24 8.29 19.75
N LYS A 276 2.40 7.78 20.97
CA LYS A 276 1.29 7.22 21.73
C LYS A 276 0.33 8.32 22.13
N ALA A 277 0.85 9.48 22.47
CA ALA A 277 -0.01 10.59 22.85
C ALA A 277 -0.88 11.02 21.65
N ALA A 278 -0.32 10.94 20.45
CA ALA A 278 -1.03 11.31 19.23
C ALA A 278 -2.17 10.33 18.91
N ILE A 279 -1.97 9.08 19.31
CA ILE A 279 -2.96 8.04 19.09
C ILE A 279 -4.11 8.24 20.08
N ARG A 280 -3.77 8.49 21.34
CA ARG A 280 -4.77 8.69 22.38
C ARG A 280 -5.75 9.81 22.02
N ALA A 281 -5.22 10.87 21.41
CA ALA A 281 -6.04 12.01 21.05
C ALA A 281 -6.77 11.85 19.72
N ASN A 282 -6.57 10.71 19.08
CA ASN A 282 -7.21 10.41 17.80
C ASN A 282 -8.30 9.34 17.99
N TYR A 283 -7.89 8.08 18.18
CA TYR A 283 -8.85 6.99 18.37
C TYR A 283 -8.66 6.16 19.65
N SER A 284 -7.77 6.63 20.54
CA SER A 284 -7.47 6.02 21.85
C SER A 284 -6.63 4.74 21.86
N ASN A 285 -7.17 3.67 21.27
CA ASN A 285 -6.49 2.37 21.18
C ASN A 285 -7.07 1.67 19.94
N PRO A 286 -6.29 0.80 19.28
CA PRO A 286 -6.76 0.13 18.07
C PRO A 286 -7.72 -1.07 18.19
N PRO A 287 -8.49 -1.32 17.11
CA PRO A 287 -9.48 -2.41 17.03
C PRO A 287 -8.72 -3.75 17.09
N ALA A 288 -9.08 -4.58 18.06
CA ALA A 288 -8.40 -5.87 18.25
C ALA A 288 -8.53 -6.95 17.18
N HIS A 289 -9.76 -7.22 16.75
CA HIS A 289 -10.01 -8.31 15.82
C HIS A 289 -9.07 -8.63 14.68
N GLY A 290 -8.90 -7.69 13.78
CA GLY A 290 -8.04 -7.96 12.64
C GLY A 290 -6.64 -8.26 13.04
N ALA A 291 -6.14 -7.54 14.04
CA ALA A 291 -4.77 -7.71 14.51
C ALA A 291 -4.59 -9.02 15.27
N SER A 292 -5.62 -9.42 16.01
CA SER A 292 -5.54 -10.69 16.74
C SER A 292 -5.41 -11.81 15.73
N VAL A 293 -6.19 -11.73 14.66
CA VAL A 293 -6.16 -12.73 13.60
C VAL A 293 -4.73 -12.84 13.05
N VAL A 294 -4.19 -11.71 12.57
CA VAL A 294 -2.82 -11.68 12.02
C VAL A 294 -1.82 -12.30 12.99
N ALA A 295 -1.92 -11.93 14.26
CA ALA A 295 -1.00 -12.44 15.27
C ALA A 295 -1.14 -13.95 15.48
N THR A 296 -2.36 -14.44 15.57
CA THR A 296 -2.57 -15.88 15.77
C THR A 296 -2.03 -16.64 14.56
N ILE A 297 -2.25 -16.14 13.35
CA ILE A 297 -1.76 -16.80 12.14
C ILE A 297 -0.24 -16.81 12.09
N LEU A 298 0.34 -15.65 12.35
CA LEU A 298 1.78 -15.50 12.33
C LEU A 298 2.45 -16.35 13.41
N SER A 299 1.79 -16.49 14.55
CA SER A 299 2.32 -17.25 15.69
C SER A 299 2.25 -18.78 15.60
N ASN A 300 1.42 -19.30 14.70
CA ASN A 300 1.20 -20.75 14.56
C ASN A 300 1.74 -21.27 13.22
N ASP A 301 2.74 -22.16 13.23
CA ASP A 301 3.28 -22.66 11.94
C ASP A 301 2.24 -23.28 11.00
N ALA A 302 1.36 -24.12 11.53
CA ALA A 302 0.33 -24.73 10.68
C ALA A 302 -0.44 -23.61 9.98
N LEU A 303 -1.03 -22.72 10.77
CA LEU A 303 -1.79 -21.59 10.26
C LEU A 303 -0.97 -20.70 9.32
N ARG A 304 0.27 -20.41 9.70
CA ARG A 304 1.13 -19.56 8.89
C ARG A 304 1.55 -20.25 7.59
N ALA A 305 1.69 -21.57 7.62
CA ALA A 305 2.08 -22.33 6.43
C ALA A 305 0.98 -22.27 5.37
N ILE A 306 -0.25 -22.29 5.85
CA ILE A 306 -1.42 -22.23 4.98
C ILE A 306 -1.58 -20.82 4.41
N TRP A 307 -1.28 -19.80 5.23
CA TRP A 307 -1.40 -18.40 4.81
C TRP A 307 -0.42 -18.05 3.70
N GLU A 308 0.83 -18.45 3.86
CA GLU A 308 1.84 -18.16 2.86
C GLU A 308 1.47 -18.77 1.52
N GLN A 309 0.75 -19.89 1.55
CA GLN A 309 0.34 -20.51 0.30
C GLN A 309 -0.81 -19.75 -0.31
N GLU A 310 -1.76 -19.29 0.52
CA GLU A 310 -2.87 -18.51 -0.01
C GLU A 310 -2.33 -17.21 -0.64
N LEU A 311 -1.33 -16.61 -0.01
CA LEU A 311 -0.70 -15.39 -0.52
C LEU A 311 -0.04 -15.71 -1.86
N THR A 312 0.72 -16.81 -1.91
CA THR A 312 1.37 -17.25 -3.15
C THR A 312 0.37 -17.43 -4.30
N ASP A 313 -0.80 -17.99 -3.98
CA ASP A 313 -1.85 -18.21 -4.98
C ASP A 313 -2.36 -16.87 -5.53
N MET A 314 -2.60 -15.91 -4.63
CA MET A 314 -3.09 -14.58 -5.02
C MET A 314 -2.15 -13.92 -6.01
N ARG A 315 -0.88 -13.89 -5.64
CA ARG A 315 0.15 -13.30 -6.48
C ARG A 315 0.25 -13.97 -7.84
N GLN A 316 0.21 -15.30 -7.86
CA GLN A 316 0.32 -16.06 -9.11
C GLN A 316 -0.86 -15.86 -10.05
N ARG A 317 -2.07 -15.77 -9.50
CA ARG A 317 -3.24 -15.57 -10.34
C ARG A 317 -3.16 -14.20 -11.01
N ILE A 318 -2.65 -13.22 -10.27
CA ILE A 318 -2.52 -11.88 -10.81
C ILE A 318 -1.53 -11.91 -11.97
N GLN A 319 -0.37 -12.55 -11.77
CA GLN A 319 0.63 -12.62 -12.84
C GLN A 319 0.03 -13.33 -14.07
N ARG A 320 -0.90 -14.24 -13.84
CA ARG A 320 -1.54 -14.96 -14.93
C ARG A 320 -2.40 -13.99 -15.72
N MET A 321 -3.31 -13.32 -15.01
CA MET A 321 -4.22 -12.34 -15.61
C MET A 321 -3.49 -11.21 -16.35
N ARG A 322 -2.33 -10.85 -15.83
CA ARG A 322 -1.51 -9.81 -16.40
C ARG A 322 -1.12 -10.21 -17.82
N GLN A 323 -0.57 -11.42 -17.97
CA GLN A 323 -0.18 -11.88 -19.29
C GLN A 323 -1.38 -12.17 -20.19
N LEU A 324 -2.50 -12.58 -19.60
CA LEU A 324 -3.70 -12.87 -20.38
C LEU A 324 -4.27 -11.59 -21.00
N PHE A 325 -4.32 -10.53 -20.19
CA PHE A 325 -4.83 -9.23 -20.61
C PHE A 325 -4.07 -8.75 -21.85
N VAL A 326 -2.75 -8.76 -21.76
CA VAL A 326 -1.90 -8.36 -22.86
C VAL A 326 -2.17 -9.19 -24.13
N ASN A 327 -2.28 -10.52 -23.95
CA ASN A 327 -2.53 -11.42 -25.08
C ASN A 327 -3.90 -11.25 -25.71
N THR A 328 -4.91 -11.03 -24.89
CA THR A 328 -6.24 -10.83 -25.41
C THR A 328 -6.34 -9.46 -26.10
N LEU A 329 -5.61 -8.46 -25.60
CA LEU A 329 -5.62 -7.12 -26.19
C LEU A 329 -5.06 -7.19 -27.60
N GLN A 330 -3.97 -7.93 -27.78
CA GLN A 330 -3.35 -8.09 -29.09
C GLN A 330 -4.23 -8.94 -30.02
N GLU A 331 -4.91 -9.91 -29.41
CA GLU A 331 -5.81 -10.82 -30.09
C GLU A 331 -7.04 -10.05 -30.58
N LYS A 332 -7.50 -9.10 -29.79
CA LYS A 332 -8.66 -8.28 -30.12
C LYS A 332 -8.34 -7.09 -31.04
N GLY A 333 -7.13 -7.06 -31.58
CA GLY A 333 -6.75 -5.98 -32.48
C GLY A 333 -6.39 -4.63 -31.90
N ALA A 334 -5.90 -4.61 -30.66
CA ALA A 334 -5.50 -3.35 -30.04
C ALA A 334 -4.48 -2.71 -30.95
N ASN A 335 -4.72 -1.47 -31.32
CA ASN A 335 -3.83 -0.72 -32.20
C ASN A 335 -2.55 -0.28 -31.49
N ARG A 336 -2.11 -1.04 -30.50
CA ARG A 336 -0.94 -0.65 -29.74
C ARG A 336 -0.26 -1.80 -29.01
N ASP A 337 0.98 -1.56 -28.61
CA ASP A 337 1.76 -2.55 -27.88
C ASP A 337 1.56 -2.29 -26.39
N PHE A 338 1.10 -3.31 -25.66
CA PHE A 338 0.89 -3.18 -24.22
C PHE A 338 1.81 -4.08 -23.40
N SER A 339 2.85 -4.61 -24.06
CA SER A 339 3.83 -5.50 -23.44
C SER A 339 4.36 -5.02 -22.09
N PHE A 340 4.63 -3.72 -21.97
CA PHE A 340 5.15 -3.16 -20.73
C PHE A 340 4.35 -3.57 -19.49
N ILE A 341 3.07 -3.87 -19.67
CA ILE A 341 2.18 -4.27 -18.57
C ILE A 341 2.68 -5.50 -17.81
N ILE A 342 3.25 -6.45 -18.54
CA ILE A 342 3.78 -7.68 -17.94
C ILE A 342 4.94 -7.37 -16.98
N LYS A 343 5.60 -6.24 -17.23
CA LYS A 343 6.75 -5.79 -16.43
C LYS A 343 6.40 -5.14 -15.08
N GLN A 344 5.13 -4.81 -14.89
CA GLN A 344 4.68 -4.16 -13.67
C GLN A 344 4.35 -5.16 -12.55
N ASN A 345 4.63 -4.80 -11.31
CA ASN A 345 4.39 -5.65 -10.15
C ASN A 345 3.13 -5.26 -9.40
N GLY A 346 2.57 -6.20 -8.66
CA GLY A 346 1.39 -5.89 -7.87
C GLY A 346 0.05 -6.01 -8.52
N MET A 347 -0.94 -5.36 -7.92
CA MET A 347 -2.31 -5.40 -8.41
C MET A 347 -2.66 -4.51 -9.58
N PHE A 348 -1.90 -3.43 -9.80
CA PHE A 348 -2.27 -2.48 -10.86
C PHE A 348 -1.34 -2.25 -12.03
N SER A 349 -1.97 -1.98 -13.17
CA SER A 349 -1.23 -1.66 -14.38
C SER A 349 -1.59 -0.22 -14.76
N PHE A 350 -0.58 0.57 -15.04
CA PHE A 350 -0.81 1.94 -15.47
C PHE A 350 -1.00 1.69 -16.96
N SER A 351 -2.25 1.63 -17.39
CA SER A 351 -2.59 1.33 -18.77
C SER A 351 -2.20 2.35 -19.82
N GLY A 352 -2.30 3.63 -19.48
CA GLY A 352 -1.97 4.64 -20.46
C GLY A 352 -3.21 5.29 -21.03
N LEU A 353 -4.39 4.75 -20.69
CA LEU A 353 -5.63 5.31 -21.17
C LEU A 353 -5.70 6.77 -20.72
N THR A 354 -6.34 7.61 -21.52
CA THR A 354 -6.50 9.02 -21.19
C THR A 354 -7.74 9.18 -20.34
N LYS A 355 -7.85 10.32 -19.66
CA LYS A 355 -8.99 10.63 -18.83
C LYS A 355 -10.29 10.45 -19.61
N GLU A 356 -10.30 10.93 -20.85
CA GLU A 356 -11.47 10.84 -21.72
C GLU A 356 -11.80 9.40 -22.04
N GLN A 357 -10.78 8.61 -22.34
CA GLN A 357 -11.00 7.20 -22.67
C GLN A 357 -11.61 6.47 -21.48
N VAL A 358 -11.09 6.71 -20.27
CA VAL A 358 -11.66 6.04 -19.11
C VAL A 358 -13.08 6.53 -18.85
N LEU A 359 -13.38 7.75 -19.26
CA LEU A 359 -14.72 8.30 -19.09
C LEU A 359 -15.66 7.60 -20.06
N ARG A 360 -15.21 7.40 -21.29
CA ARG A 360 -16.02 6.76 -22.32
C ARG A 360 -16.20 5.27 -22.00
N LEU A 361 -15.14 4.60 -21.56
CA LEU A 361 -15.22 3.19 -21.21
C LEU A 361 -16.33 2.95 -20.21
N ARG A 362 -16.44 3.84 -19.24
CA ARG A 362 -17.47 3.73 -18.22
C ARG A 362 -18.87 3.97 -18.75
N GLU A 363 -19.11 5.15 -19.30
CA GLU A 363 -20.41 5.53 -19.83
C GLU A 363 -20.93 4.68 -20.98
N GLU A 364 -20.03 4.22 -21.83
CA GLU A 364 -20.39 3.45 -22.99
C GLU A 364 -20.40 1.93 -22.79
N PHE A 365 -19.46 1.42 -22.01
CA PHE A 365 -19.34 -0.01 -21.81
C PHE A 365 -19.51 -0.55 -20.39
N GLY A 366 -19.67 0.34 -19.42
CA GLY A 366 -19.82 -0.12 -18.04
C GLY A 366 -18.53 -0.67 -17.47
N VAL A 367 -17.38 -0.24 -18.01
CA VAL A 367 -16.07 -0.67 -17.53
C VAL A 367 -15.52 0.42 -16.62
N TYR A 368 -15.26 0.07 -15.36
CA TYR A 368 -14.77 1.03 -14.36
C TYR A 368 -13.30 0.96 -14.05
N ALA A 369 -12.63 2.10 -14.21
CA ALA A 369 -11.19 2.25 -13.95
C ALA A 369 -10.98 3.65 -13.38
N VAL A 370 -9.83 3.86 -12.75
CA VAL A 370 -9.53 5.15 -12.15
C VAL A 370 -9.15 6.19 -13.23
N ALA A 371 -9.53 7.45 -13.00
CA ALA A 371 -9.27 8.55 -13.93
C ALA A 371 -7.86 8.58 -14.49
N SER A 372 -6.88 8.24 -13.66
CA SER A 372 -5.49 8.20 -14.08
C SER A 372 -5.16 7.09 -15.08
N GLY A 373 -6.12 6.21 -15.34
CA GLY A 373 -5.90 5.10 -16.24
C GLY A 373 -5.38 3.88 -15.50
N ARG A 374 -5.49 3.90 -14.17
CA ARG A 374 -5.03 2.77 -13.36
C ARG A 374 -6.12 1.71 -13.42
N VAL A 375 -5.75 0.50 -13.77
CA VAL A 375 -6.71 -0.58 -13.86
C VAL A 375 -6.33 -1.69 -12.85
N ASN A 376 -7.32 -2.28 -12.19
CA ASN A 376 -7.05 -3.36 -11.21
C ASN A 376 -6.97 -4.70 -11.92
N VAL A 377 -5.76 -5.17 -12.17
CA VAL A 377 -5.55 -6.45 -12.84
C VAL A 377 -6.13 -7.58 -12.00
N ALA A 378 -6.03 -7.46 -10.68
CA ALA A 378 -6.56 -8.47 -9.75
C ALA A 378 -8.06 -8.62 -9.85
N GLY A 379 -8.71 -7.75 -10.60
CA GLY A 379 -10.16 -7.83 -10.78
C GLY A 379 -10.54 -8.45 -12.10
N MET A 380 -9.54 -8.90 -12.85
CA MET A 380 -9.74 -9.53 -14.15
C MET A 380 -9.88 -11.03 -13.97
N THR A 381 -10.77 -11.63 -14.75
CA THR A 381 -11.00 -13.08 -14.69
C THR A 381 -11.14 -13.55 -16.13
N PRO A 382 -10.91 -14.85 -16.38
CA PRO A 382 -11.01 -15.45 -17.71
C PRO A 382 -12.39 -15.21 -18.31
N ASP A 383 -13.38 -15.01 -17.44
CA ASP A 383 -14.76 -14.78 -17.84
C ASP A 383 -15.07 -13.35 -18.31
N ASN A 384 -14.39 -12.34 -17.77
CA ASN A 384 -14.65 -10.96 -18.19
C ASN A 384 -13.54 -10.38 -19.06
N MET A 385 -12.48 -11.15 -19.25
CA MET A 385 -11.36 -10.69 -20.06
C MET A 385 -11.70 -10.26 -21.48
N ALA A 386 -12.60 -11.00 -22.13
CA ALA A 386 -12.98 -10.68 -23.51
C ALA A 386 -13.86 -9.41 -23.63
N PRO A 387 -14.93 -9.31 -22.81
CA PRO A 387 -15.77 -8.12 -22.90
C PRO A 387 -14.93 -6.86 -22.63
N LEU A 388 -14.08 -6.99 -21.61
CA LEU A 388 -13.18 -5.94 -21.16
C LEU A 388 -12.28 -5.47 -22.29
N CYS A 389 -11.53 -6.40 -22.88
CA CYS A 389 -10.61 -6.08 -23.96
C CYS A 389 -11.26 -5.47 -25.20
N GLU A 390 -12.50 -5.86 -25.48
CA GLU A 390 -13.18 -5.29 -26.62
C GLU A 390 -13.59 -3.86 -26.29
N ALA A 391 -13.96 -3.64 -25.04
CA ALA A 391 -14.34 -2.30 -24.60
C ALA A 391 -13.13 -1.38 -24.81
N ILE A 392 -11.97 -1.81 -24.32
CA ILE A 392 -10.73 -1.04 -24.47
C ILE A 392 -10.36 -0.79 -25.92
N VAL A 393 -10.40 -1.84 -26.75
CA VAL A 393 -10.03 -1.67 -28.14
C VAL A 393 -10.92 -0.67 -28.89
N ALA A 394 -12.23 -0.70 -28.63
CA ALA A 394 -13.16 0.22 -29.27
C ALA A 394 -13.07 1.65 -28.70
N VAL A 395 -12.01 1.92 -27.97
CA VAL A 395 -11.80 3.21 -27.31
C VAL A 395 -10.43 3.84 -27.65
N LEU A 396 -9.53 3.02 -28.18
CA LEU A 396 -8.17 3.44 -28.55
C LEU A 396 -8.15 4.33 -29.79
N1 PMP B . -0.73 2.98 0.92
C2 PMP B . -0.91 2.58 -0.37
C2A PMP B . 0.16 2.84 -1.45
C3 PMP B . -2.08 1.98 -0.72
O3 PMP B . -2.30 1.53 -1.99
C4 PMP B . -3.08 1.81 0.23
C4A PMP B . -4.42 1.33 -0.22
N4A PMP B . -4.18 0.38 -1.19
C5 PMP B . -2.88 2.21 1.53
C6 PMP B . -1.69 2.79 1.87
C5A PMP B . -4.03 2.21 2.56
O4P PMP B . -4.34 0.91 2.96
P PMP B . -5.36 0.55 4.08
O1P PMP B . -5.78 1.61 4.99
O2P PMP B . -4.66 -0.57 4.71
O3P PMP B . -6.60 0.17 3.21
C1 MAE C . -7.92 2.79 -1.21
O1 MAE C . -8.10 3.04 -0.01
O2 MAE C . -7.94 3.67 -2.09
C2 MAE C . -7.65 1.33 -1.59
C3 MAE C . -7.10 0.85 -2.70
C4 MAE C . -6.61 1.61 -3.92
O3 MAE C . -7.35 1.57 -4.91
O4 MAE C . -5.52 2.21 -3.94
#